data_2QQ0
#
_entry.id   2QQ0
#
_cell.length_a   102.160
_cell.length_b   59.310
_cell.length_c   61.300
_cell.angle_alpha   90.00
_cell.angle_beta   103.02
_cell.angle_gamma   90.00
#
_symmetry.space_group_name_H-M   'C 1 2 1'
#
loop_
_entity.id
_entity.type
_entity.pdbx_description
1 polymer 'Thymidine kinase'
2 non-polymer 'ZINC ION'
3 non-polymer 'MAGNESIUM ION'
4 non-polymer THYMIDINE
5 non-polymer 'PHOSPHOAMINOPHOSPHONIC ACID-ADENYLATE ESTER'
6 non-polymer "THYMIDINE-5'-PHOSPHATE"
7 non-polymer "ADENOSINE-5'-DIPHOSPHATE"
8 water water
#
_entity_poly.entity_id   1
_entity_poly.type   'polypeptide(L)'
_entity_poly.pdbx_seq_one_letter_code
;MSGKLTVITGPMYSGKTTELLSFVEIYKLGKKKVAVFKPKIDSRYHSTMIVSHSGNGVEAHVIERPEEMRKYIEEDTRGV
FIDEVQFFNPSLFEVVKDLLDRGIDVFCAGLDLTHKQNPFETTALLLSLADTVIKKKAVCHRCGEYNATLTLKVAGGEEE
IDVGGQEKYIAVCRDCYNTLKKRV
;
_entity_poly.pdbx_strand_id   A,B
#
loop_
_chem_comp.id
_chem_comp.type
_chem_comp.name
_chem_comp.formula
ADP non-polymer ADENOSINE-5'-DIPHOSPHATE 'C10 H15 N5 O10 P2'
ANP non-polymer 'PHOSPHOAMINOPHOSPHONIC ACID-ADENYLATE ESTER' 'C10 H17 N6 O12 P3'
MG non-polymer 'MAGNESIUM ION' 'Mg 2'
THM DNA OH 5 prime terminus THYMIDINE 'C10 H14 N2 O5'
TMP non-polymer THYMIDINE-5'-PHOSPHATE 'C10 H15 N2 O8 P'
ZN non-polymer 'ZINC ION' 'Zn 2'
#
# COMPACT_ATOMS: atom_id res chain seq x y z
N SER A 2 12.25 12.19 11.93
CA SER A 2 11.28 12.54 10.85
C SER A 2 9.90 12.05 11.29
N GLY A 3 8.88 12.60 10.67
CA GLY A 3 7.51 12.13 10.91
C GLY A 3 7.36 10.80 10.22
N LYS A 4 6.45 9.97 10.72
CA LYS A 4 6.13 8.71 10.09
C LYS A 4 4.72 8.78 9.55
N LEU A 5 4.49 8.10 8.41
CA LEU A 5 3.16 8.04 7.82
C LEU A 5 2.58 6.67 8.07
N THR A 6 1.38 6.60 8.64
CA THR A 6 0.62 5.37 8.83
C THR A 6 -0.66 5.51 7.99
N VAL A 7 -0.88 4.54 7.11
CA VAL A 7 -2.10 4.53 6.32
C VAL A 7 -2.99 3.39 6.79
N ILE A 8 -4.24 3.69 7.08
CA ILE A 8 -5.21 2.72 7.53
C ILE A 8 -6.20 2.55 6.38
N THR A 9 -6.28 1.36 5.83
CA THR A 9 -7.13 1.18 4.65
C THR A 9 -7.87 -0.13 4.68
N GLY A 10 -8.78 -0.32 3.75
CA GLY A 10 -9.69 -1.45 3.76
C GLY A 10 -11.03 -0.99 3.22
N PRO A 11 -12.02 -1.91 3.23
CA PRO A 11 -13.35 -1.59 2.62
C PRO A 11 -14.15 -0.78 3.61
N MET A 12 -15.37 -0.46 3.22
CA MET A 12 -16.23 0.22 4.17
C MET A 12 -16.50 -0.69 5.38
N TYR A 13 -16.70 -0.02 6.50
CA TYR A 13 -17.13 -0.65 7.77
C TYR A 13 -16.07 -1.50 8.37
N SER A 14 -14.80 -1.24 8.01
CA SER A 14 -13.69 -2.09 8.51
C SER A 14 -13.00 -1.48 9.72
N GLY A 15 -13.49 -0.33 10.17
CA GLY A 15 -12.99 0.32 11.37
C GLY A 15 -11.88 1.33 11.15
N LYS A 16 -11.82 1.87 9.93
CA LYS A 16 -10.74 2.75 9.59
C LYS A 16 -10.86 4.06 10.39
N THR A 17 -12.05 4.67 10.40
CA THR A 17 -12.20 5.91 11.15
C THR A 17 -12.02 5.70 12.67
N THR A 18 -12.55 4.58 13.16
CA THR A 18 -12.39 4.22 14.56
C THR A 18 -10.90 4.17 14.93
N GLU A 19 -10.10 3.54 14.08
CA GLU A 19 -8.65 3.46 14.35
C GLU A 19 -8.03 4.84 14.27
N LEU A 20 -8.41 5.59 13.23
CA LEU A 20 -7.86 6.91 13.12
C LEU A 20 -8.11 7.77 14.38
N LEU A 21 -9.35 7.72 14.85
CA LEU A 21 -9.74 8.45 16.08
C LEU A 21 -8.99 7.95 17.31
N SER A 22 -8.71 6.65 17.35
CA SER A 22 -7.88 6.13 18.46
C SER A 22 -6.51 6.76 18.47
N PHE A 23 -5.92 6.93 17.28
CA PHE A 23 -4.64 7.61 17.20
C PHE A 23 -4.74 9.09 17.61
N VAL A 24 -5.80 9.77 17.20
CA VAL A 24 -6.00 11.17 17.59
C VAL A 24 -5.98 11.22 19.12
N GLU A 25 -6.77 10.35 19.76
CA GLU A 25 -6.84 10.28 21.24
C GLU A 25 -5.49 10.07 21.88
N ILE A 26 -4.68 9.21 21.29
CA ILE A 26 -3.34 8.96 21.84
C ILE A 26 -2.51 10.24 21.87
N TYR A 27 -2.52 11.00 20.77
CA TYR A 27 -1.74 12.24 20.72
C TYR A 27 -2.29 13.27 21.70
N LYS A 28 -3.60 13.40 21.76
CA LYS A 28 -4.26 14.33 22.72
C LYS A 28 -3.93 13.97 24.16
N LEU A 29 -3.95 12.68 24.49
CA LEU A 29 -3.63 12.30 25.86
C LEU A 29 -2.20 12.66 26.24
N GLY A 30 -1.32 12.68 25.25
CA GLY A 30 0.09 12.97 25.46
C GLY A 30 0.38 14.47 25.43
N LYS A 31 -0.72 15.25 25.36
CA LYS A 31 -0.69 16.70 25.23
C LYS A 31 0.10 17.17 24.02
N LYS A 32 -0.04 16.43 22.92
CA LYS A 32 0.58 16.83 21.67
C LYS A 32 -0.47 17.47 20.78
N LYS A 33 -0.14 18.60 20.16
CA LYS A 33 -1.08 19.27 19.30
C LYS A 33 -1.29 18.47 18.02
N VAL A 34 -2.55 18.42 17.61
CA VAL A 34 -2.98 17.69 16.42
C VAL A 34 -3.75 18.59 15.49
N ALA A 35 -3.76 18.21 14.21
CA ALA A 35 -4.63 18.87 13.23
C ALA A 35 -5.35 17.75 12.52
N VAL A 36 -6.66 17.84 12.44
CA VAL A 36 -7.51 16.78 11.91
C VAL A 36 -8.29 17.32 10.71
N PHE A 37 -8.33 16.53 9.62
CA PHE A 37 -8.90 16.99 8.32
C PHE A 37 -9.83 15.98 7.69
N LYS A 38 -10.86 16.48 7.01
CA LYS A 38 -11.73 15.64 6.19
C LYS A 38 -12.07 16.41 4.93
N PRO A 39 -12.41 15.69 3.85
CA PRO A 39 -12.69 16.41 2.61
C PRO A 39 -14.09 16.97 2.58
N LYS A 40 -14.29 18.00 1.76
CA LYS A 40 -15.53 18.78 1.77
C LYS A 40 -16.75 18.08 1.16
N THR A 48 -19.07 18.62 10.08
CA THR A 48 -17.68 18.92 10.38
C THR A 48 -17.00 17.79 11.16
N MET A 49 -17.81 16.91 11.75
CA MET A 49 -17.28 15.84 12.60
C MET A 49 -16.82 14.64 11.77
N ILE A 50 -15.71 14.06 12.20
CA ILE A 50 -15.30 12.74 11.70
C ILE A 50 -16.09 11.74 12.52
N VAL A 51 -16.95 10.98 11.83
CA VAL A 51 -17.89 10.08 12.46
C VAL A 51 -17.70 8.65 11.99
N SER A 52 -17.63 7.72 12.96
CA SER A 52 -17.52 6.30 12.67
C SER A 52 -18.91 5.63 12.57
N HIS A 53 -18.97 4.47 11.94
CA HIS A 53 -20.24 3.75 11.79
C HIS A 53 -20.65 3.06 13.08
N VAL A 58 -14.95 13.09 16.19
CA VAL A 58 -14.18 14.27 16.57
C VAL A 58 -14.36 15.39 15.52
N GLU A 59 -14.15 16.63 15.94
CA GLU A 59 -14.26 17.75 15.02
C GLU A 59 -13.01 17.83 14.09
N ALA A 60 -13.26 18.12 12.81
CA ALA A 60 -12.20 18.16 11.83
C ALA A 60 -12.29 19.47 11.07
N HIS A 61 -11.20 19.90 10.45
CA HIS A 61 -11.25 20.96 9.45
C HIS A 61 -11.69 20.35 8.14
N VAL A 62 -12.78 20.86 7.60
CA VAL A 62 -13.26 20.42 6.30
C VAL A 62 -12.55 21.24 5.24
N ILE A 63 -11.83 20.56 4.36
CA ILE A 63 -11.05 21.22 3.31
C ILE A 63 -11.27 20.59 1.95
N GLU A 64 -11.03 21.35 0.89
CA GLU A 64 -11.20 20.85 -0.47
C GLU A 64 -9.90 20.33 -1.02
N ARG A 65 -8.89 21.21 -1.05
CA ARG A 65 -7.56 20.86 -1.57
C ARG A 65 -6.61 20.54 -0.43
N PRO A 66 -5.73 19.54 -0.62
CA PRO A 66 -4.74 19.16 0.41
C PRO A 66 -3.88 20.32 0.88
N GLU A 67 -3.60 21.24 -0.01
CA GLU A 67 -2.79 22.41 0.28
C GLU A 67 -3.40 23.35 1.33
N GLU A 68 -4.72 23.30 1.49
CA GLU A 68 -5.41 24.05 2.56
C GLU A 68 -4.99 23.59 3.94
N MET A 69 -4.38 22.42 4.03
CA MET A 69 -3.96 21.95 5.36
C MET A 69 -3.00 22.93 6.04
N ARG A 70 -2.16 23.55 5.22
CA ARG A 70 -1.10 24.38 5.72
C ARG A 70 -1.59 25.58 6.52
N LYS A 71 -2.86 25.98 6.30
CA LYS A 71 -3.49 27.07 7.05
C LYS A 71 -3.68 26.70 8.51
N TYR A 72 -3.74 25.40 8.79
CA TYR A 72 -4.17 24.97 10.11
C TYR A 72 -3.08 24.22 10.85
N ILE A 73 -1.89 24.16 10.28
CA ILE A 73 -0.78 23.47 10.93
C ILE A 73 0.09 24.48 11.65
N GLU A 74 0.39 24.21 12.92
CA GLU A 74 1.14 25.17 13.73
C GLU A 74 2.54 24.66 13.93
N GLU A 75 3.43 25.55 14.38
CA GLU A 75 4.80 25.19 14.70
C GLU A 75 4.90 23.94 15.59
N ASP A 76 4.01 23.82 16.55
CA ASP A 76 4.07 22.71 17.50
C ASP A 76 3.05 21.58 17.24
N THR A 77 2.43 21.60 16.07
CA THR A 77 1.63 20.43 15.64
C THR A 77 2.53 19.20 15.53
N ARG A 78 2.13 18.12 16.20
CA ARG A 78 2.93 16.89 16.21
C ARG A 78 2.34 15.79 15.32
N GLY A 79 1.04 15.84 15.13
CA GLY A 79 0.34 14.85 14.35
C GLY A 79 -0.71 15.49 13.47
N VAL A 80 -0.84 14.96 12.26
CA VAL A 80 -1.86 15.35 11.29
C VAL A 80 -2.66 14.09 10.92
N PHE A 81 -3.98 14.18 10.98
CA PHE A 81 -4.93 13.07 10.81
C PHE A 81 -5.87 13.38 9.70
N ILE A 82 -5.95 12.51 8.70
CA ILE A 82 -6.78 12.83 7.54
C ILE A 82 -7.69 11.65 7.26
N ASP A 83 -8.99 11.88 7.24
CA ASP A 83 -9.95 10.82 6.94
C ASP A 83 -10.42 10.92 5.50
N GLU A 84 -10.93 9.80 4.98
CA GLU A 84 -11.51 9.73 3.62
C GLU A 84 -10.53 10.19 2.57
N VAL A 85 -9.29 9.71 2.66
CA VAL A 85 -8.23 10.26 1.83
C VAL A 85 -8.47 9.99 0.37
N GLN A 86 -9.30 8.97 0.09
CA GLN A 86 -9.55 8.64 -1.32
C GLN A 86 -10.17 9.78 -2.09
N PHE A 87 -10.80 10.70 -1.37
CA PHE A 87 -11.44 11.86 -2.01
C PHE A 87 -10.55 13.07 -2.23
N PHE A 88 -9.31 13.02 -1.78
CA PHE A 88 -8.40 14.14 -1.99
C PHE A 88 -7.63 14.04 -3.28
N ASN A 89 -7.34 15.19 -3.84
CA ASN A 89 -6.43 15.28 -4.98
C ASN A 89 -5.11 14.56 -4.71
N PRO A 90 -4.55 13.89 -5.72
CA PRO A 90 -3.29 13.17 -5.48
C PRO A 90 -2.11 14.05 -5.06
N SER A 91 -2.23 15.37 -5.15
CA SER A 91 -1.20 16.27 -4.59
C SER A 91 -1.01 16.10 -3.07
N LEU A 92 -1.99 15.42 -2.44
CA LEU A 92 -1.84 15.03 -1.05
C LEU A 92 -0.54 14.26 -0.80
N PHE A 93 -0.09 13.47 -1.79
CA PHE A 93 1.22 12.79 -1.63
C PHE A 93 2.37 13.76 -1.29
N GLU A 94 2.49 14.83 -2.07
CA GLU A 94 3.62 15.73 -1.84
C GLU A 94 3.39 16.55 -0.58
N VAL A 95 2.13 16.85 -0.26
CA VAL A 95 1.86 17.62 0.97
C VAL A 95 2.26 16.79 2.20
N VAL A 96 1.85 15.53 2.19
CA VAL A 96 2.24 14.60 3.26
C VAL A 96 3.80 14.45 3.36
N LYS A 97 4.47 14.26 2.21
CA LYS A 97 5.92 14.10 2.22
C LYS A 97 6.57 15.29 2.93
N ASP A 98 6.07 16.48 2.66
CA ASP A 98 6.64 17.67 3.27
C ASP A 98 6.40 17.70 4.79
N LEU A 99 5.22 17.29 5.25
CA LEU A 99 4.95 17.14 6.69
C LEU A 99 5.90 16.15 7.35
N LEU A 100 6.12 15.00 6.72
CA LEU A 100 7.05 14.02 7.29
C LEU A 100 8.44 14.60 7.41
N ASP A 101 8.87 15.36 6.40
CA ASP A 101 10.23 15.91 6.40
C ASP A 101 10.43 16.90 7.54
N ARG A 102 9.32 17.51 7.97
CA ARG A 102 9.29 18.50 9.05
C ARG A 102 9.08 17.90 10.42
N GLY A 103 9.05 16.57 10.51
CA GLY A 103 8.97 15.89 11.80
C GLY A 103 7.57 15.63 12.31
N ILE A 104 6.60 15.87 11.45
CA ILE A 104 5.19 15.71 11.80
C ILE A 104 4.68 14.32 11.41
N ASP A 105 4.10 13.59 12.37
CA ASP A 105 3.55 12.26 12.05
C ASP A 105 2.23 12.47 11.35
N VAL A 106 1.97 11.63 10.34
CA VAL A 106 0.74 11.70 9.60
C VAL A 106 0.00 10.36 9.61
N PHE A 107 -1.30 10.44 9.82
CA PHE A 107 -2.15 9.25 9.86
C PHE A 107 -3.26 9.51 8.88
N CYS A 108 -3.42 8.62 7.90
CA CYS A 108 -4.45 8.72 6.84
C CYS A 108 -5.32 7.51 6.90
N ALA A 109 -6.61 7.69 6.74
CA ALA A 109 -7.55 6.60 6.59
C ALA A 109 -8.30 6.79 5.30
N GLY A 110 -8.47 5.69 4.58
CA GLY A 110 -9.30 5.81 3.38
C GLY A 110 -9.47 4.49 2.70
N LEU A 111 -10.37 4.48 1.74
CA LEU A 111 -10.62 3.27 0.97
C LEU A 111 -9.51 3.00 -0.04
N ASP A 112 -9.17 1.72 -0.16
CA ASP A 112 -8.14 1.29 -1.06
C ASP A 112 -8.70 1.08 -2.48
N LEU A 113 -9.92 0.56 -2.53
CA LEU A 113 -10.54 0.18 -3.80
C LEU A 113 -11.94 0.74 -3.90
N THR A 114 -12.32 1.07 -5.11
CA THR A 114 -13.73 1.41 -5.37
C THR A 114 -14.61 0.16 -5.34
N HIS A 115 -15.93 0.36 -5.43
CA HIS A 115 -16.84 -0.74 -5.47
C HIS A 115 -16.69 -1.58 -6.75
N LYS A 116 -16.03 -1.01 -7.77
CA LYS A 116 -15.70 -1.70 -9.03
C LYS A 116 -14.33 -2.39 -8.95
N GLN A 117 -13.70 -2.34 -7.76
CA GLN A 117 -12.39 -2.95 -7.54
C GLN A 117 -11.30 -2.25 -8.37
N ASN A 118 -11.47 -0.96 -8.62
CA ASN A 118 -10.39 -0.14 -9.20
C ASN A 118 -9.69 0.57 -8.04
N PRO A 119 -8.38 0.85 -8.18
CA PRO A 119 -7.70 1.56 -7.10
C PRO A 119 -8.22 2.98 -6.95
N PHE A 120 -8.35 3.43 -5.71
CA PHE A 120 -8.38 4.86 -5.43
C PHE A 120 -6.96 5.39 -5.50
N GLU A 121 -6.69 6.21 -6.50
CA GLU A 121 -5.32 6.58 -6.74
C GLU A 121 -4.63 7.35 -5.63
N THR A 122 -5.35 8.23 -4.94
CA THR A 122 -4.71 8.96 -3.86
C THR A 122 -4.30 8.03 -2.72
N THR A 123 -5.19 7.10 -2.42
CA THR A 123 -4.88 6.12 -1.38
C THR A 123 -3.64 5.32 -1.81
N ALA A 124 -3.60 4.91 -3.08
CA ALA A 124 -2.50 4.08 -3.57
C ALA A 124 -1.17 4.81 -3.45
N LEU A 125 -1.17 6.09 -3.79
CA LEU A 125 0.04 6.88 -3.65
C LEU A 125 0.48 6.97 -2.20
N LEU A 126 -0.47 7.13 -1.28
CA LEU A 126 -0.11 7.19 0.13
C LEU A 126 0.39 5.86 0.68
N LEU A 127 -0.15 4.78 0.13
CA LEU A 127 0.33 3.44 0.53
C LEU A 127 1.79 3.28 0.14
N SER A 128 2.13 3.84 -1.01
CA SER A 128 3.52 3.85 -1.46
C SER A 128 4.47 4.58 -0.52
N LEU A 129 4.00 5.70 0.03
CA LEU A 129 4.82 6.56 0.87
C LEU A 129 4.85 6.05 2.33
N ALA A 130 3.87 5.22 2.69
CA ALA A 130 3.67 4.84 4.09
C ALA A 130 4.86 4.15 4.73
N ASP A 131 5.08 4.49 6.00
CA ASP A 131 6.01 3.73 6.84
C ASP A 131 5.29 2.48 7.33
N THR A 132 3.99 2.61 7.60
CA THR A 132 3.20 1.47 8.07
C THR A 132 1.85 1.48 7.39
N VAL A 133 1.41 0.29 6.97
CA VAL A 133 0.10 0.09 6.36
C VAL A 133 -0.71 -0.88 7.22
N ILE A 134 -1.89 -0.43 7.63
CA ILE A 134 -2.79 -1.25 8.38
C ILE A 134 -3.96 -1.57 7.44
N LYS A 135 -4.08 -2.80 6.99
CA LYS A 135 -5.26 -3.26 6.23
C LYS A 135 -6.30 -3.78 7.19
N LYS A 136 -7.45 -3.15 7.18
CA LYS A 136 -8.56 -3.50 8.05
C LYS A 136 -9.54 -4.39 7.26
N LYS A 137 -10.16 -5.30 7.99
CA LYS A 137 -11.24 -6.12 7.43
C LYS A 137 -12.56 -5.76 8.07
N ALA A 138 -13.62 -6.11 7.35
CA ALA A 138 -14.98 -5.98 7.88
C ALA A 138 -15.59 -7.40 7.97
N VAL A 139 -16.77 -7.51 8.60
CA VAL A 139 -17.56 -8.74 8.59
C VAL A 139 -18.30 -8.80 7.26
N CYS A 140 -18.24 -9.93 6.57
CA CYS A 140 -18.90 -10.05 5.27
C CYS A 140 -20.43 -10.05 5.43
N HIS A 141 -21.09 -9.15 4.69
CA HIS A 141 -22.55 -9.01 4.77
C HIS A 141 -23.26 -10.29 4.40
N ARG A 142 -22.62 -11.09 3.55
CA ARG A 142 -23.26 -12.30 3.04
C ARG A 142 -23.00 -13.52 3.88
N CYS A 143 -21.73 -13.77 4.23
CA CYS A 143 -21.37 -14.98 4.94
C CYS A 143 -21.08 -14.81 6.43
N GLY A 144 -20.96 -13.57 6.91
CA GLY A 144 -20.73 -13.32 8.34
C GLY A 144 -19.33 -13.60 8.86
N GLU A 145 -18.40 -14.01 7.99
CA GLU A 145 -17.02 -14.20 8.37
C GLU A 145 -16.27 -12.87 8.45
N TYR A 146 -15.26 -12.81 9.31
CA TYR A 146 -14.41 -11.65 9.41
C TYR A 146 -13.33 -11.71 8.34
N ASN A 147 -13.78 -11.50 7.10
CA ASN A 147 -12.92 -11.66 5.94
C ASN A 147 -13.30 -10.72 4.82
N ALA A 148 -14.09 -9.70 5.13
CA ALA A 148 -14.51 -8.81 4.05
C ALA A 148 -13.38 -7.82 3.75
N THR A 149 -12.98 -7.81 2.47
CA THR A 149 -11.94 -6.87 2.02
C THR A 149 -12.39 -5.94 0.90
N LEU A 150 -13.63 -6.13 0.45
CA LEU A 150 -14.16 -5.36 -0.68
C LEU A 150 -15.46 -4.69 -0.27
N THR A 151 -15.84 -3.69 -1.06
CA THR A 151 -17.13 -3.04 -0.92
C THR A 151 -17.97 -3.31 -2.19
N LEU A 152 -19.23 -3.68 -2.02
CA LEU A 152 -20.13 -3.88 -3.15
C LEU A 152 -21.24 -2.82 -3.09
N LYS A 153 -21.51 -2.19 -4.22
CA LYS A 153 -22.57 -1.19 -4.32
C LYS A 153 -23.91 -1.85 -4.69
N VAL A 154 -24.92 -1.59 -3.86
CA VAL A 154 -26.26 -2.24 -3.92
C VAL A 154 -27.39 -1.26 -4.28
N ALA A 155 -27.10 0.02 -4.39
CA ALA A 155 -28.09 1.02 -4.83
C ALA A 155 -27.37 2.23 -5.44
N GLY A 156 -28.13 3.11 -6.09
CA GLY A 156 -27.51 4.21 -6.81
C GLY A 156 -27.06 3.73 -8.16
N GLY A 157 -26.42 4.60 -8.90
CA GLY A 157 -25.92 4.20 -10.18
C GLY A 157 -24.60 3.49 -10.04
N GLU A 158 -23.91 3.36 -11.15
CA GLU A 158 -22.59 2.76 -11.16
C GLU A 158 -21.45 3.71 -10.73
N GLU A 159 -21.73 4.97 -10.44
CA GLU A 159 -20.65 5.94 -10.14
C GLU A 159 -19.69 5.47 -9.05
N GLU A 160 -18.40 5.65 -9.29
CA GLU A 160 -17.37 5.36 -8.27
C GLU A 160 -17.15 6.47 -7.28
N ILE A 161 -17.61 7.70 -7.57
CA ILE A 161 -17.60 8.74 -6.57
C ILE A 161 -19.07 8.98 -6.26
N ASP A 162 -19.49 8.50 -5.10
CA ASP A 162 -20.89 8.50 -4.71
C ASP A 162 -20.94 8.28 -3.20
N VAL A 163 -21.14 9.36 -2.47
CA VAL A 163 -21.19 9.34 -1.03
C VAL A 163 -22.39 8.56 -0.55
N GLY A 164 -22.19 7.79 0.50
CA GLY A 164 -23.31 7.04 1.08
C GLY A 164 -22.89 6.05 2.12
N GLY A 165 -23.86 5.35 2.70
CA GLY A 165 -23.59 4.36 3.73
C GLY A 165 -24.26 3.05 3.44
N GLN A 166 -24.84 2.44 4.46
CA GLN A 166 -25.36 1.10 4.38
C GLN A 166 -26.57 0.93 3.46
N GLU A 167 -27.20 2.04 3.10
CA GLU A 167 -28.28 2.00 2.12
C GLU A 167 -27.76 1.78 0.69
N LYS A 168 -26.45 2.01 0.49
CA LYS A 168 -25.84 1.98 -0.82
C LYS A 168 -24.71 0.97 -0.94
N TYR A 169 -24.02 0.67 0.14
CA TYR A 169 -22.80 -0.14 0.07
C TYR A 169 -22.78 -1.22 1.16
N ILE A 170 -22.27 -2.41 0.83
CA ILE A 170 -22.06 -3.45 1.79
C ILE A 170 -20.62 -3.93 1.71
N ALA A 171 -20.10 -4.45 2.80
CA ALA A 171 -18.75 -5.04 2.81
C ALA A 171 -18.88 -6.52 2.54
N VAL A 172 -18.03 -7.04 1.65
CA VAL A 172 -18.09 -8.43 1.32
C VAL A 172 -16.70 -9.02 1.16
N CYS A 173 -16.59 -10.32 1.36
CA CYS A 173 -15.35 -11.00 1.00
C CYS A 173 -15.26 -11.22 -0.50
N ARG A 174 -14.07 -11.55 -1.00
CA ARG A 174 -13.88 -11.68 -2.43
C ARG A 174 -14.80 -12.75 -3.07
N ASP A 175 -14.95 -13.88 -2.42
CA ASP A 175 -15.84 -14.95 -2.92
C ASP A 175 -17.31 -14.49 -2.98
N CYS A 176 -17.78 -13.84 -1.93
CA CYS A 176 -19.11 -13.26 -1.92
C CYS A 176 -19.25 -12.15 -2.96
N TYR A 177 -18.22 -11.31 -3.14
CA TYR A 177 -18.33 -10.28 -4.17
C TYR A 177 -18.55 -10.95 -5.54
N ASN A 178 -17.75 -11.96 -5.85
CA ASN A 178 -17.83 -12.59 -7.18
C ASN A 178 -19.11 -13.35 -7.36
N THR A 179 -19.61 -13.93 -6.27
CA THR A 179 -20.90 -14.63 -6.29
C THR A 179 -22.03 -13.65 -6.60
N LEU A 180 -22.05 -12.52 -5.88
CA LEU A 180 -23.11 -11.52 -6.02
C LEU A 180 -23.08 -10.80 -7.37
N LYS A 181 -21.89 -10.64 -7.94
CA LYS A 181 -21.77 -10.00 -9.24
C LYS A 181 -22.17 -10.92 -10.39
N SER B 2 -11.01 -17.79 -1.51
CA SER B 2 -10.34 -16.98 -2.57
C SER B 2 -8.87 -16.95 -2.22
N GLY B 3 -8.05 -16.58 -3.21
CA GLY B 3 -6.60 -16.43 -2.97
C GLY B 3 -6.43 -15.08 -2.27
N LYS B 4 -5.32 -14.93 -1.56
CA LYS B 4 -5.01 -13.66 -0.90
C LYS B 4 -3.74 -13.10 -1.55
N LEU B 5 -3.64 -11.78 -1.60
CA LEU B 5 -2.47 -11.12 -2.14
C LEU B 5 -1.71 -10.50 -0.99
N THR B 6 -0.42 -10.82 -0.90
CA THR B 6 0.49 -10.25 0.06
C THR B 6 1.53 -9.47 -0.72
N VAL B 7 1.71 -8.20 -0.37
CA VAL B 7 2.68 -7.35 -1.03
C VAL B 7 3.79 -7.03 -0.04
N ILE B 8 5.04 -7.25 -0.44
CA ILE B 8 6.20 -7.04 0.42
C ILE B 8 6.93 -5.87 -0.20
N THR B 9 7.06 -4.76 0.52
CA THR B 9 7.65 -3.60 -0.08
C THR B 9 8.55 -2.88 0.90
N GLY B 10 9.27 -1.89 0.41
CA GLY B 10 10.26 -1.19 1.19
C GLY B 10 11.39 -0.80 0.26
N PRO B 11 12.45 -0.19 0.83
CA PRO B 11 13.57 0.29 0.02
C PRO B 11 14.47 -0.88 -0.36
N MET B 12 15.50 -0.58 -1.12
CA MET B 12 16.48 -1.62 -1.39
C MET B 12 17.11 -2.17 -0.09
N TYR B 13 17.47 -3.44 -0.15
CA TYR B 13 18.23 -4.09 0.95
C TYR B 13 17.35 -4.28 2.19
N SER B 14 16.04 -4.18 2.01
CA SER B 14 15.14 -4.35 3.15
C SER B 14 14.71 -5.81 3.36
N GLY B 15 15.18 -6.73 2.53
CA GLY B 15 14.86 -8.16 2.70
C GLY B 15 13.62 -8.58 1.96
N LYS B 16 13.26 -7.84 0.92
CA LYS B 16 12.04 -8.17 0.23
C LYS B 16 12.12 -9.50 -0.49
N THR B 17 13.20 -9.70 -1.23
CA THR B 17 13.34 -10.95 -1.97
C THR B 17 13.51 -12.15 -1.01
N THR B 18 14.27 -11.91 0.05
CA THR B 18 14.45 -12.93 1.09
C THR B 18 13.08 -13.36 1.66
N GLU B 19 12.21 -12.40 1.93
CA GLU B 19 10.87 -12.74 2.44
C GLU B 19 10.04 -13.47 1.41
N LEU B 20 10.12 -13.02 0.15
CA LEU B 20 9.37 -13.67 -0.91
C LEU B 20 9.79 -15.15 -1.02
N LEU B 21 11.10 -15.39 -1.01
CA LEU B 21 11.63 -16.77 -1.11
C LEU B 21 11.26 -17.63 0.10
N SER B 22 11.15 -17.01 1.27
CA SER B 22 10.62 -17.69 2.44
C SER B 22 9.24 -18.25 2.22
N PHE B 23 8.36 -17.46 1.60
CA PHE B 23 7.01 -17.92 1.35
C PHE B 23 7.03 -18.99 0.27
N VAL B 24 7.94 -18.87 -0.72
CA VAL B 24 8.03 -19.94 -1.74
C VAL B 24 8.32 -21.26 -1.01
N GLU B 25 9.29 -21.21 -0.10
CA GLU B 25 9.72 -22.41 0.66
C GLU B 25 8.56 -23.03 1.42
N ILE B 26 7.78 -22.18 2.07
CA ILE B 26 6.60 -22.65 2.79
C ILE B 26 5.64 -23.45 1.89
N TYR B 27 5.38 -22.94 0.68
CA TYR B 27 4.47 -23.66 -0.20
C TYR B 27 5.09 -24.97 -0.69
N LYS B 28 6.36 -24.92 -1.03
CA LYS B 28 7.08 -26.12 -1.45
C LYS B 28 7.10 -27.14 -0.34
N LEU B 29 7.30 -26.74 0.92
CA LEU B 29 7.32 -27.76 1.99
C LEU B 29 5.99 -28.47 2.14
N GLY B 30 4.92 -27.75 1.84
CA GLY B 30 3.56 -28.25 1.89
C GLY B 30 3.13 -29.02 0.65
N LYS B 31 4.06 -29.25 -0.27
CA LYS B 31 3.80 -29.92 -1.55
C LYS B 31 2.68 -29.24 -2.33
N LYS B 32 2.71 -27.92 -2.30
CA LYS B 32 1.80 -27.10 -3.08
C LYS B 32 2.56 -26.56 -4.27
N LYS B 33 1.94 -26.59 -5.44
CA LYS B 33 2.58 -26.17 -6.68
C LYS B 33 2.68 -24.64 -6.68
N VAL B 34 3.83 -24.16 -7.13
CA VAL B 34 4.11 -22.73 -7.14
C VAL B 34 4.49 -22.34 -8.56
N ALA B 35 4.32 -21.06 -8.86
CA ALA B 35 4.84 -20.47 -10.08
C ALA B 35 5.54 -19.18 -9.67
N VAL B 36 6.78 -19.00 -10.11
CA VAL B 36 7.61 -17.93 -9.66
C VAL B 36 8.06 -17.12 -10.86
N PHE B 37 7.95 -15.79 -10.78
CA PHE B 37 8.21 -14.90 -11.91
C PHE B 37 9.10 -13.74 -11.55
N LYS B 38 9.86 -13.27 -12.53
CA LYS B 38 10.65 -12.05 -12.41
C LYS B 38 10.60 -11.35 -13.79
N PRO B 39 10.75 -10.02 -13.84
CA PRO B 39 10.74 -9.28 -15.09
C PRO B 39 12.06 -9.45 -15.85
N LYS B 40 11.99 -9.39 -17.18
CA LYS B 40 13.22 -9.45 -17.99
C LYS B 40 14.01 -8.13 -17.93
N SER B 47 20.08 -13.61 -14.68
CA SER B 47 18.95 -13.73 -15.59
C SER B 47 17.79 -14.54 -15.00
N THR B 48 17.90 -15.87 -14.93
CA THR B 48 16.81 -16.73 -14.44
C THR B 48 16.71 -16.84 -12.92
N MET B 49 17.84 -16.75 -12.24
CA MET B 49 17.88 -16.90 -10.78
C MET B 49 17.22 -15.70 -10.08
N ILE B 50 16.21 -15.96 -9.24
CA ILE B 50 15.82 -14.95 -8.25
C ILE B 50 16.78 -15.18 -7.12
N VAL B 51 17.64 -14.19 -6.87
CA VAL B 51 18.66 -14.28 -5.84
C VAL B 51 18.62 -12.97 -5.01
N SER B 52 18.75 -13.14 -3.70
CA SER B 52 18.75 -12.02 -2.76
C SER B 52 20.15 -11.39 -2.58
N HIS B 53 20.19 -10.19 -2.01
CA HIS B 53 21.45 -9.50 -1.69
C HIS B 53 22.22 -10.24 -0.60
N VAL B 58 16.22 -19.06 -6.04
CA VAL B 58 15.29 -20.02 -6.64
C VAL B 58 15.12 -19.70 -8.11
N GLU B 59 14.80 -20.73 -8.90
CA GLU B 59 14.47 -20.62 -10.33
C GLU B 59 13.19 -19.83 -10.53
N ALA B 60 13.19 -18.92 -11.50
CA ALA B 60 12.02 -18.17 -11.86
C ALA B 60 11.82 -18.20 -13.38
N HIS B 61 10.57 -18.07 -13.78
CA HIS B 61 10.25 -17.72 -15.16
C HIS B 61 10.50 -16.25 -15.36
N VAL B 62 11.32 -15.92 -16.35
CA VAL B 62 11.68 -14.53 -16.66
C VAL B 62 10.74 -14.11 -17.80
N ILE B 63 9.94 -13.10 -17.55
CA ILE B 63 8.89 -12.72 -18.49
C ILE B 63 8.88 -11.22 -18.69
N GLU B 64 8.38 -10.78 -19.84
CA GLU B 64 8.40 -9.35 -20.15
C GLU B 64 7.13 -8.71 -19.64
N ARG B 65 6.02 -9.41 -19.85
CA ARG B 65 4.67 -8.87 -19.61
C ARG B 65 3.90 -9.74 -18.66
N PRO B 66 3.06 -9.12 -17.81
CA PRO B 66 2.18 -9.87 -16.90
C PRO B 66 1.26 -10.88 -17.60
N GLU B 67 0.80 -10.54 -18.80
CA GLU B 67 -0.01 -11.47 -19.58
C GLU B 67 0.68 -12.80 -19.92
N GLU B 68 2.01 -12.82 -19.86
CA GLU B 68 2.76 -14.06 -20.10
C GLU B 68 2.68 -15.08 -18.97
N MET B 69 2.22 -14.66 -17.80
CA MET B 69 2.14 -15.56 -16.67
C MET B 69 1.16 -16.71 -16.91
N ARG B 70 0.08 -16.45 -17.64
CA ARG B 70 -0.96 -17.47 -17.84
C ARG B 70 -0.45 -18.80 -18.38
N LYS B 71 0.49 -18.75 -19.31
CA LYS B 71 1.12 -19.96 -19.86
C LYS B 71 1.67 -20.91 -18.79
N TYR B 72 2.20 -20.35 -17.70
CA TYR B 72 2.92 -21.14 -16.70
C TYR B 72 2.11 -21.50 -15.47
N ILE B 73 0.85 -21.06 -15.45
CA ILE B 73 -0.06 -21.33 -14.34
C ILE B 73 -0.90 -22.57 -14.66
N GLU B 74 -0.64 -23.65 -13.95
CA GLU B 74 -1.38 -24.90 -14.18
C GLU B 74 -2.60 -24.97 -13.27
N GLU B 75 -3.47 -25.95 -13.52
CA GLU B 75 -4.74 -26.09 -12.82
C GLU B 75 -4.58 -26.24 -11.30
N ASP B 76 -3.49 -26.84 -10.88
CA ASP B 76 -3.26 -27.04 -9.45
C ASP B 76 -2.18 -26.12 -8.84
N THR B 77 -1.87 -25.04 -9.55
CA THR B 77 -1.03 -23.99 -8.93
C THR B 77 -1.73 -23.39 -7.72
N ARG B 78 -1.01 -23.35 -6.61
CA ARG B 78 -1.57 -22.83 -5.35
C ARG B 78 -1.07 -21.44 -4.98
N GLY B 79 0.15 -21.15 -5.41
CA GLY B 79 0.79 -19.85 -5.14
C GLY B 79 1.56 -19.33 -6.33
N VAL B 80 1.43 -18.03 -6.56
CA VAL B 80 2.18 -17.31 -7.58
C VAL B 80 3.03 -16.27 -6.86
N PHE B 81 4.32 -16.21 -7.20
CA PHE B 81 5.31 -15.37 -6.51
C PHE B 81 6.00 -14.51 -7.52
N ILE B 82 6.01 -13.21 -7.28
CA ILE B 82 6.51 -12.27 -8.31
C ILE B 82 7.46 -11.31 -7.68
N ASP B 83 8.70 -11.28 -8.17
CA ASP B 83 9.68 -10.30 -7.66
C ASP B 83 9.83 -9.09 -8.57
N GLU B 84 10.36 -8.01 -8.01
CA GLU B 84 10.67 -6.77 -8.74
C GLU B 84 9.46 -6.26 -9.48
N VAL B 85 8.32 -6.26 -8.77
CA VAL B 85 7.05 -5.91 -9.42
C VAL B 85 7.00 -4.50 -9.93
N GLN B 86 7.87 -3.60 -9.43
CA GLN B 86 7.89 -2.21 -9.91
C GLN B 86 8.20 -2.14 -11.41
N PHE B 87 8.83 -3.19 -11.95
CA PHE B 87 9.24 -3.17 -13.35
C PHE B 87 8.20 -3.77 -14.26
N PHE B 88 7.12 -4.32 -13.71
CA PHE B 88 6.05 -4.87 -14.57
C PHE B 88 5.03 -3.79 -14.96
N ASN B 89 4.41 -3.99 -16.12
CA ASN B 89 3.33 -3.13 -16.58
C ASN B 89 2.18 -3.14 -15.58
N PRO B 90 1.51 -1.99 -15.40
CA PRO B 90 0.38 -1.92 -14.47
C PRO B 90 -0.75 -2.92 -14.80
N SER B 91 -0.74 -3.55 -15.97
CA SER B 91 -1.71 -4.65 -16.29
C SER B 91 -1.61 -5.80 -15.27
N LEU B 92 -0.50 -5.82 -14.55
CA LEU B 92 -0.32 -6.82 -13.50
C LEU B 92 -1.47 -6.78 -12.51
N PHE B 93 -2.06 -5.62 -12.28
CA PHE B 93 -3.16 -5.49 -11.33
C PHE B 93 -4.33 -6.43 -11.70
N GLU B 94 -4.80 -6.38 -12.95
CA GLU B 94 -5.92 -7.25 -13.36
C GLU B 94 -5.53 -8.70 -13.48
N VAL B 95 -4.28 -8.96 -13.84
CA VAL B 95 -3.81 -10.35 -13.87
C VAL B 95 -3.87 -10.94 -12.46
N VAL B 96 -3.36 -10.21 -11.47
CA VAL B 96 -3.33 -10.71 -10.13
C VAL B 96 -4.77 -10.87 -9.57
N LYS B 97 -5.64 -9.88 -9.85
CA LYS B 97 -7.01 -9.93 -9.40
C LYS B 97 -7.65 -11.24 -9.90
N ASP B 98 -7.42 -11.58 -11.16
CA ASP B 98 -7.97 -12.81 -11.74
C ASP B 98 -7.44 -14.07 -11.03
N LEU B 99 -6.16 -14.09 -10.70
CA LEU B 99 -5.60 -15.22 -9.96
C LEU B 99 -6.28 -15.37 -8.61
N LEU B 100 -6.45 -14.25 -7.90
CA LEU B 100 -7.10 -14.31 -6.58
C LEU B 100 -8.52 -14.83 -6.71
N ASP B 101 -9.22 -14.41 -7.77
CA ASP B 101 -10.59 -14.89 -7.96
C ASP B 101 -10.69 -16.39 -8.17
N ARG B 102 -9.64 -16.96 -8.75
CA ARG B 102 -9.52 -18.41 -8.98
C ARG B 102 -8.98 -19.22 -7.78
N GLY B 103 -8.76 -18.55 -6.65
CA GLY B 103 -8.28 -19.24 -5.45
C GLY B 103 -6.79 -19.40 -5.28
N ILE B 104 -6.03 -18.70 -6.12
CA ILE B 104 -4.57 -18.78 -6.07
C ILE B 104 -4.02 -17.64 -5.21
N ASP B 105 -3.18 -17.94 -4.24
CA ASP B 105 -2.53 -16.90 -3.44
C ASP B 105 -1.42 -16.25 -4.23
N VAL B 106 -1.26 -14.94 -4.09
CA VAL B 106 -0.23 -14.23 -4.82
C VAL B 106 0.63 -13.47 -3.84
N PHE B 107 1.93 -13.56 -4.04
CA PHE B 107 2.93 -12.83 -3.25
C PHE B 107 3.76 -11.99 -4.19
N CYS B 108 3.80 -10.69 -3.94
CA CYS B 108 4.53 -9.75 -4.80
C CYS B 108 5.55 -9.01 -3.98
N ALA B 109 6.78 -8.93 -4.44
CA ALA B 109 7.80 -8.12 -3.78
C ALA B 109 8.20 -7.01 -4.74
N GLY B 110 8.34 -5.79 -4.23
CA GLY B 110 8.84 -4.73 -5.12
C GLY B 110 9.09 -3.45 -4.38
N LEU B 111 9.82 -2.52 -5.01
CA LEU B 111 10.01 -1.20 -4.41
C LEU B 111 8.75 -0.38 -4.46
N ASP B 112 8.53 0.37 -3.38
CA ASP B 112 7.42 1.30 -3.31
C ASP B 112 7.76 2.67 -3.93
N LEU B 113 9.00 3.11 -3.74
CA LEU B 113 9.39 4.44 -4.16
C LEU B 113 10.69 4.41 -4.95
N THR B 114 10.76 5.28 -5.93
CA THR B 114 12.03 5.49 -6.60
C THR B 114 13.05 6.21 -5.69
N HIS B 115 14.29 6.32 -6.17
CA HIS B 115 15.30 7.06 -5.43
C HIS B 115 15.00 8.55 -5.29
N LYS B 116 14.05 9.03 -6.10
CA LYS B 116 13.59 10.43 -6.02
C LYS B 116 12.29 10.57 -5.23
N GLN B 117 11.90 9.46 -4.61
CA GLN B 117 10.70 9.41 -3.80
C GLN B 117 9.44 9.61 -4.62
N ASN B 118 9.46 9.21 -5.88
CA ASN B 118 8.24 9.09 -6.65
C ASN B 118 7.69 7.68 -6.54
N PRO B 119 6.35 7.53 -6.55
CA PRO B 119 5.81 6.18 -6.41
C PRO B 119 6.08 5.35 -7.63
N PHE B 120 6.39 4.07 -7.44
CA PHE B 120 6.32 3.14 -8.56
C PHE B 120 4.86 2.74 -8.78
N GLU B 121 4.33 3.06 -9.96
CA GLU B 121 2.91 2.86 -10.28
C GLU B 121 2.40 1.43 -10.01
N THR B 122 3.09 0.44 -10.58
CA THR B 122 2.61 -0.93 -10.43
C THR B 122 2.57 -1.38 -8.96
N THR B 123 3.60 -1.01 -8.20
CA THR B 123 3.63 -1.37 -6.78
C THR B 123 2.47 -0.71 -6.04
N ALA B 124 2.22 0.55 -6.41
CA ALA B 124 1.15 1.34 -5.76
C ALA B 124 -0.20 0.67 -6.00
N LEU B 125 -0.44 0.22 -7.23
CA LEU B 125 -1.71 -0.44 -7.59
C LEU B 125 -1.87 -1.75 -6.81
N LEU B 126 -0.77 -2.51 -6.69
CA LEU B 126 -0.85 -3.80 -5.99
C LEU B 126 -1.05 -3.60 -4.50
N LEU B 127 -0.48 -2.51 -3.96
CA LEU B 127 -0.71 -2.17 -2.52
C LEU B 127 -2.21 -1.92 -2.29
N SER B 128 -2.88 -1.35 -3.29
CA SER B 128 -4.30 -1.06 -3.14
C SER B 128 -5.12 -2.38 -3.15
N LEU B 129 -4.73 -3.39 -3.95
CA LEU B 129 -5.44 -4.67 -4.07
C LEU B 129 -5.09 -5.65 -2.90
N ALA B 130 -3.96 -5.40 -2.24
CA ALA B 130 -3.42 -6.33 -1.24
C ALA B 130 -4.36 -6.61 -0.09
N ASP B 131 -4.33 -7.86 0.36
CA ASP B 131 -4.98 -8.23 1.61
C ASP B 131 -4.04 -7.89 2.77
N THR B 132 -2.75 -8.04 2.53
CA THR B 132 -1.72 -7.82 3.53
C THR B 132 -0.55 -7.08 2.88
N VAL B 133 -0.07 -6.05 3.56
CA VAL B 133 1.10 -5.28 3.14
C VAL B 133 2.13 -5.42 4.22
N ILE B 134 3.31 -5.90 3.83
CA ILE B 134 4.45 -5.97 4.72
C ILE B 134 5.46 -4.89 4.30
N LYS B 135 5.62 -3.85 5.11
CA LYS B 135 6.61 -2.81 4.84
C LYS B 135 7.90 -3.25 5.53
N LYS B 136 8.95 -3.44 4.73
CA LYS B 136 10.25 -3.83 5.28
C LYS B 136 11.15 -2.61 5.42
N LYS B 137 12.02 -2.67 6.42
CA LYS B 137 13.03 -1.62 6.57
C LYS B 137 14.39 -2.22 6.30
N ALA B 138 15.34 -1.33 6.08
CA ALA B 138 16.75 -1.64 5.96
C ALA B 138 17.53 -0.91 7.06
N VAL B 139 18.81 -1.28 7.17
CA VAL B 139 19.74 -0.51 7.99
C VAL B 139 20.17 0.75 7.24
N CYS B 140 20.06 1.91 7.90
CA CYS B 140 20.46 3.16 7.30
C CYS B 140 21.97 3.16 7.13
N HIS B 141 22.41 3.40 5.90
CA HIS B 141 23.83 3.44 5.54
C HIS B 141 24.55 4.53 6.29
N ARG B 142 23.83 5.57 6.64
CA ARG B 142 24.47 6.72 7.28
C ARG B 142 24.51 6.61 8.81
N CYS B 143 23.36 6.38 9.45
CA CYS B 143 23.32 6.38 10.93
C CYS B 143 23.31 4.98 11.56
N GLY B 144 23.15 3.92 10.74
CA GLY B 144 23.25 2.55 11.25
C GLY B 144 22.03 2.03 12.01
N GLU B 145 20.98 2.84 12.11
CA GLU B 145 19.76 2.41 12.78
C GLU B 145 18.92 1.59 11.81
N TYR B 146 18.06 0.74 12.37
CA TYR B 146 17.16 -0.09 11.56
C TYR B 146 15.89 0.71 11.29
N ASN B 147 16.05 1.76 10.49
CA ASN B 147 14.97 2.70 10.26
C ASN B 147 14.97 3.24 8.85
N ALA B 148 15.70 2.55 7.95
CA ALA B 148 15.77 3.04 6.56
C ALA B 148 14.52 2.60 5.78
N THR B 149 13.86 3.59 5.19
CA THR B 149 12.65 3.38 4.42
C THR B 149 12.78 3.86 2.98
N LEU B 150 13.91 4.49 2.68
CA LEU B 150 14.14 5.16 1.36
C LEU B 150 15.40 4.62 0.74
N THR B 151 15.49 4.73 -0.57
CA THR B 151 16.72 4.48 -1.29
C THR B 151 17.27 5.79 -1.83
N LEU B 152 18.59 5.95 -1.73
CA LEU B 152 19.25 7.12 -2.28
C LEU B 152 20.29 6.69 -3.33
N LYS B 153 20.33 7.41 -4.44
CA LYS B 153 21.24 7.03 -5.54
C LYS B 153 22.53 7.81 -5.38
N VAL B 154 23.65 7.09 -5.37
CA VAL B 154 24.96 7.67 -5.06
C VAL B 154 25.90 7.65 -6.25
N ALA B 155 25.53 7.00 -7.33
CA ALA B 155 26.38 7.03 -8.52
C ALA B 155 25.58 6.76 -9.74
N GLY B 156 26.15 7.07 -10.89
CA GLY B 156 25.47 6.97 -12.15
C GLY B 156 24.64 8.22 -12.27
N GLY B 157 23.70 8.21 -13.20
CA GLY B 157 22.94 9.41 -13.50
C GLY B 157 21.72 9.56 -12.61
N GLU B 158 20.90 10.54 -12.96
CA GLU B 158 19.69 10.87 -12.21
C GLU B 158 18.50 9.93 -12.56
N GLU B 159 18.67 9.10 -13.58
CA GLU B 159 17.61 8.19 -14.09
C GLU B 159 16.88 7.45 -12.97
N GLU B 160 15.56 7.32 -13.09
CA GLU B 160 14.76 6.54 -12.13
C GLU B 160 14.63 5.08 -12.48
N ILE B 161 14.91 4.72 -13.73
CA ILE B 161 14.99 3.29 -14.08
C ILE B 161 16.46 2.97 -14.36
N ASP B 162 17.10 2.24 -13.44
CA ASP B 162 18.53 2.01 -13.50
C ASP B 162 18.84 0.83 -12.59
N VAL B 163 19.01 -0.32 -13.22
CA VAL B 163 19.24 -1.59 -12.52
C VAL B 163 20.63 -1.54 -11.91
N GLY B 164 20.74 -2.02 -10.68
CA GLY B 164 22.02 -1.97 -10.04
C GLY B 164 21.88 -2.30 -8.58
N GLY B 165 23.01 -2.26 -7.89
CA GLY B 165 23.08 -2.64 -6.50
C GLY B 165 23.87 -1.62 -5.72
N GLN B 166 24.78 -2.12 -4.86
CA GLN B 166 25.54 -1.29 -3.93
C GLN B 166 26.43 -0.24 -4.63
N GLU B 167 26.74 -0.47 -5.89
CA GLU B 167 27.55 0.51 -6.62
C GLU B 167 26.78 1.78 -6.98
N LYS B 168 25.45 1.75 -6.83
CA LYS B 168 24.61 2.85 -7.25
C LYS B 168 23.67 3.33 -6.17
N TYR B 169 23.28 2.43 -5.26
CA TYR B 169 22.20 2.76 -4.30
C TYR B 169 22.53 2.38 -2.86
N ILE B 170 22.10 3.25 -1.94
CA ILE B 170 22.16 2.96 -0.51
C ILE B 170 20.77 3.11 0.10
N ALA B 171 20.55 2.43 1.21
CA ALA B 171 19.30 2.60 1.94
C ALA B 171 19.50 3.61 3.02
N VAL B 172 18.56 4.52 3.16
CA VAL B 172 18.66 5.55 4.20
C VAL B 172 17.31 5.83 4.87
N CYS B 173 17.42 6.32 6.12
CA CYS B 173 16.22 6.83 6.79
C CYS B 173 15.86 8.19 6.21
N ARG B 174 14.66 8.69 6.50
CA ARG B 174 14.20 9.95 5.94
C ARG B 174 15.10 11.14 6.29
N ASP B 175 15.49 11.19 7.56
CA ASP B 175 16.33 12.30 8.06
C ASP B 175 17.69 12.28 7.36
N CYS B 176 18.26 11.09 7.19
CA CYS B 176 19.55 10.96 6.50
C CYS B 176 19.43 11.27 5.00
N TYR B 177 18.30 10.90 4.38
CA TYR B 177 18.07 11.18 2.96
C TYR B 177 18.05 12.69 2.76
N ASN B 178 17.34 13.39 3.62
CA ASN B 178 17.21 14.85 3.52
C ASN B 178 18.54 15.54 3.78
N THR B 179 19.27 15.03 4.77
CA THR B 179 20.60 15.58 5.12
C THR B 179 21.56 15.41 3.97
N LEU B 180 21.55 14.24 3.34
CA LEU B 180 22.51 13.98 2.27
C LEU B 180 22.15 14.73 1.00
N LYS B 181 20.86 14.93 0.77
CA LYS B 181 20.42 15.74 -0.36
C LYS B 181 20.79 17.20 -0.08
ZN ZN C . -18.38 -13.58 2.43
MG MG D . -14.73 6.02 7.88
O5' THM E . -16.77 5.94 3.74
C5' THM E . -16.59 5.61 2.36
C4' THM E . -17.22 6.74 1.56
O4' THM E . -16.79 6.59 0.20
C3' THM E . -18.76 6.68 1.54
O3' THM E . -19.31 8.00 1.39
C2' THM E . -19.08 5.98 0.23
C1' THM E . -17.95 6.45 -0.63
N1 THM E . -17.62 5.49 -1.66
C2 THM E . -17.47 5.98 -2.99
O2 THM E . -17.64 7.19 -3.26
N3 THM E . -17.11 5.12 -3.98
C4 THM E . -16.90 3.81 -3.76
O4 THM E . -16.59 3.07 -4.72
C5 THM E . -17.05 3.26 -2.37
C5M THM E . -16.80 1.81 -2.07
C6 THM E . -17.42 4.17 -1.38
PG ANP F . -16.21 4.04 5.84
O1G ANP F . -15.23 3.84 4.65
O2G ANP F . -17.63 3.86 5.42
O3G ANP F . -15.86 5.43 6.35
PB ANP F . -14.86 2.79 8.33
O1B ANP F . -13.92 1.77 7.84
O2B ANP F . -14.43 4.16 8.63
N3B ANP F . -16.17 2.85 7.18
PA ANP F . -15.88 2.89 11.06
O1A ANP F . -14.69 3.01 11.99
O2A ANP F . -16.67 4.11 10.71
O3A ANP F . -15.48 2.13 9.68
O5' ANP F . -16.97 1.85 11.60
C5' ANP F . -16.68 0.52 11.99
C4' ANP F . -17.92 0.10 12.76
O4' ANP F . -18.98 -0.21 11.84
C3' ANP F . -17.74 -1.21 13.51
O3' ANP F . -17.17 -0.98 14.79
C2' ANP F . -19.17 -1.72 13.60
O2' ANP F . -19.87 -1.11 14.69
C1' ANP F . -19.89 -1.18 12.40
N9 ANP F . -20.13 -2.09 11.28
C8 ANP F . -21.18 -1.97 10.41
N7 ANP F . -21.12 -2.90 9.43
C5 ANP F . -20.03 -3.66 9.67
C6 ANP F . -19.39 -4.80 8.98
N6 ANP F . -19.92 -5.34 7.87
N1 ANP F . -18.25 -5.27 9.56
C2 ANP F . -17.68 -4.74 10.63
N3 ANP F . -18.23 -3.70 11.31
C4 ANP F . -19.36 -3.11 10.86
ZN ZN G . 19.82 7.41 9.10
MG MG H . 15.12 -7.92 -4.23
P TMP I . 15.67 -4.67 -4.81
O1P TMP I . 15.65 -6.18 -4.92
O2P TMP I . 16.83 -4.36 -3.86
O3P TMP I . 14.49 -3.89 -4.35
O5' TMP I . 16.24 -4.13 -6.25
C5' TMP I . 15.71 -2.91 -6.82
C4' TMP I . 16.11 -2.75 -8.29
O4' TMP I . 15.48 -1.58 -8.77
C3' TMP I . 17.62 -2.57 -8.54
O3' TMP I . 17.98 -3.15 -9.83
C2' TMP I . 17.77 -1.08 -8.64
C1' TMP I . 16.47 -0.71 -9.30
N1 TMP I . 16.05 0.66 -8.95
C2 TMP I . 15.66 1.56 -9.97
O2 TMP I . 15.67 1.14 -11.14
N3 TMP I . 15.23 2.79 -9.66
C4 TMP I . 15.20 3.26 -8.42
O4 TMP I . 14.86 4.42 -8.20
C5 TMP I . 15.60 2.36 -7.30
C5M TMP I . 15.56 2.87 -5.87
C6 TMP I . 16.02 1.08 -7.68
PB ADP J . 15.76 -6.60 -1.26
O1B ADP J . 14.78 -5.81 -0.46
O2B ADP J . 15.10 -7.71 -2.33
O3B ADP J . 16.81 -5.78 -1.91
PA ADP J . 17.30 -8.86 -0.20
O1A ADP J . 16.35 -9.93 0.40
O2A ADP J . 17.89 -9.21 -1.75
O3A ADP J . 16.59 -7.40 -0.13
O5' ADP J . 18.57 -8.59 0.74
C5' ADP J . 18.58 -8.26 2.13
C4' ADP J . 20.00 -8.53 2.58
O4' ADP J . 20.89 -7.51 2.10
C3' ADP J . 20.18 -8.46 4.08
O3' ADP J . 19.81 -9.70 4.72
C2' ADP J . 21.66 -8.16 4.22
O2' ADP J . 22.38 -9.39 4.13
C1' ADP J . 22.03 -7.36 2.99
N9 ADP J . 22.11 -5.89 3.20
C8 ADP J . 22.90 -5.08 2.48
N7 ADP J . 22.73 -3.77 2.82
C5 ADP J . 21.78 -3.75 3.78
C6 ADP J . 21.12 -2.69 4.56
N6 ADP J . 21.43 -1.38 4.38
N1 ADP J . 20.16 -3.10 5.44
C2 ADP J . 19.84 -4.40 5.64
N3 ADP J . 20.40 -5.41 4.97
C4 ADP J . 21.36 -5.14 4.02
#